data_5TPT
#
_entry.id   5TPT
#
_cell.length_a   35.749
_cell.length_b   150.118
_cell.length_c   39.107
_cell.angle_alpha   90.000
_cell.angle_beta   109.690
_cell.angle_gamma   90.000
#
_symmetry.space_group_name_H-M   'P 1 21 1'
#
loop_
_entity.id
_entity.type
_entity.pdbx_description
1 polymer 'Amyloid-like protein 2'
2 water water
#
_entity_poly.entity_id   1
_entity_poly.type   'polypeptide(L)'
_entity_poly.pdbx_seq_one_letter_code
;DVDVYFETSADDNEHARFQKAKEQLEIRHRNRMDRVKKEWEEAELQAKNLPKAERQTLIQHFQAMVKALEKEAASEKQQL
VETHLARVEAMLNDRRRMALENYLAALQSDPPRPHRILQALRRYVRAENKDRLHTIRHYQHVLAVDPEKAAQMKSQVMTH
LHVIEERRNQSLSLLYKVPYVAQEIQEEIDELLQEQR
;
_entity_poly.pdbx_strand_id   A,B
#
# COMPACT_ATOMS: atom_id res chain seq x y z
N ASP A 1 -16.96 7.51 5.68
CA ASP A 1 -17.34 6.46 6.60
C ASP A 1 -16.13 5.93 7.38
N VAL A 2 -15.24 5.25 6.66
CA VAL A 2 -14.09 4.61 7.28
C VAL A 2 -13.16 5.64 7.92
N ASP A 3 -13.08 6.82 7.31
CA ASP A 3 -12.21 7.88 7.81
C ASP A 3 -12.63 8.39 9.18
N VAL A 4 -13.92 8.30 9.45
CA VAL A 4 -14.48 8.76 10.71
C VAL A 4 -14.04 7.86 11.85
N TYR A 5 -13.81 6.59 11.53
CA TYR A 5 -13.32 5.63 12.51
C TYR A 5 -12.01 6.09 13.15
N PHE A 6 -11.11 6.65 12.35
CA PHE A 6 -9.81 7.08 12.83
C PHE A 6 -9.86 8.28 13.77
N GLU A 7 -11.00 8.96 13.79
CA GLU A 7 -11.15 10.14 14.63
C GLU A 7 -12.30 9.97 15.61
N THR A 8 -12.51 8.72 16.01
CA THR A 8 -13.54 8.38 16.99
C THR A 8 -12.88 7.69 18.17
N SER A 9 -12.91 8.34 19.32
CA SER A 9 -12.22 7.82 20.50
C SER A 9 -12.69 6.41 20.86
N ALA A 10 -11.74 5.60 21.31
CA ALA A 10 -12.03 4.25 21.77
C ALA A 10 -13.06 4.25 22.89
N ASP A 11 -13.99 3.31 22.81
CA ASP A 11 -14.92 3.03 23.89
C ASP A 11 -15.38 1.59 23.80
N ASP A 12 -16.50 1.27 24.44
CA ASP A 12 -17.02 -0.09 24.47
C ASP A 12 -17.55 -0.53 23.10
N ASN A 13 -17.81 0.44 22.23
CA ASN A 13 -18.28 0.16 20.89
C ASN A 13 -17.13 0.22 19.89
N GLU A 14 -15.90 0.12 20.39
CA GLU A 14 -14.73 0.21 19.51
C GLU A 14 -14.67 -0.98 18.57
N HIS A 15 -14.96 -2.16 19.09
CA HIS A 15 -14.86 -3.38 18.30
C HIS A 15 -15.87 -3.41 17.17
N ALA A 16 -17.09 -3.00 17.46
CA ALA A 16 -18.15 -3.00 16.47
C ALA A 16 -17.84 -1.97 15.38
N ARG A 17 -17.45 -0.77 15.82
CA ARG A 17 -17.15 0.32 14.90
C ARG A 17 -15.99 -0.05 13.99
N PHE A 18 -15.04 -0.79 14.54
CA PHE A 18 -13.90 -1.28 13.78
C PHE A 18 -14.33 -2.34 12.77
N GLN A 19 -15.25 -3.20 13.17
CA GLN A 19 -15.71 -4.27 12.30
C GLN A 19 -16.46 -3.72 11.10
N LYS A 20 -17.23 -2.65 11.31
CA LYS A 20 -17.98 -2.05 10.22
C LYS A 20 -17.07 -1.23 9.33
N ALA A 21 -16.09 -0.54 9.92
CA ALA A 21 -15.14 0.25 9.16
C ALA A 21 -14.25 -0.66 8.32
N LYS A 22 -14.01 -1.86 8.84
CA LYS A 22 -13.23 -2.88 8.16
C LYS A 22 -14.00 -3.41 6.97
N GLU A 23 -15.31 -3.52 7.14
CA GLU A 23 -16.19 -4.03 6.10
C GLU A 23 -16.40 -2.97 5.02
N GLN A 24 -16.58 -1.73 5.43
CA GLN A 24 -16.78 -0.64 4.47
C GLN A 24 -15.54 -0.44 3.60
N LEU A 25 -14.37 -0.72 4.17
CA LEU A 25 -13.11 -0.57 3.46
C LEU A 25 -12.96 -1.66 2.38
N GLU A 26 -13.39 -2.87 2.71
CA GLU A 26 -13.30 -3.99 1.77
C GLU A 26 -14.25 -3.76 0.60
N ILE A 27 -15.41 -3.20 0.89
CA ILE A 27 -16.41 -2.93 -0.13
C ILE A 27 -15.94 -1.81 -1.05
N ARG A 28 -15.47 -0.71 -0.45
CA ARG A 28 -15.01 0.45 -1.20
C ARG A 28 -13.85 0.10 -2.11
N HIS A 29 -12.98 -0.77 -1.64
CA HIS A 29 -11.85 -1.17 -2.46
C HIS A 29 -12.29 -2.03 -3.64
N ARG A 30 -13.25 -2.91 -3.40
CA ARG A 30 -13.75 -3.76 -4.48
C ARG A 30 -14.50 -2.90 -5.49
N ASN A 31 -15.24 -1.91 -5.01
CA ASN A 31 -15.94 -1.00 -5.92
C ASN A 31 -14.94 -0.22 -6.76
N ARG A 32 -13.84 0.18 -6.16
CA ARG A 32 -12.82 0.94 -6.87
C ARG A 32 -12.09 0.02 -7.85
N MET A 33 -11.81 -1.20 -7.40
CA MET A 33 -11.14 -2.20 -8.22
C MET A 33 -11.95 -2.55 -9.45
N ASP A 34 -13.26 -2.67 -9.28
CA ASP A 34 -14.14 -3.03 -10.39
C ASP A 34 -14.23 -1.91 -11.41
N ARG A 35 -14.38 -0.69 -10.93
CA ARG A 35 -14.49 0.46 -11.81
C ARG A 35 -13.25 0.60 -12.68
N VAL A 36 -12.09 0.51 -12.06
CA VAL A 36 -10.82 0.66 -12.77
C VAL A 36 -10.62 -0.47 -13.78
N LYS A 37 -10.94 -1.70 -13.38
CA LYS A 37 -10.82 -2.86 -14.26
C LYS A 37 -11.67 -2.69 -15.52
N LYS A 38 -12.86 -2.14 -15.36
CA LYS A 38 -13.75 -1.91 -16.49
C LYS A 38 -13.17 -0.86 -17.46
N GLU A 39 -12.60 0.21 -16.91
CA GLU A 39 -12.07 1.30 -17.71
C GLU A 39 -10.89 0.86 -18.57
N TRP A 40 -9.96 0.12 -17.97
CA TRP A 40 -8.79 -0.34 -18.69
C TRP A 40 -9.15 -1.38 -19.74
N GLU A 41 -10.18 -2.17 -19.48
CA GLU A 41 -10.60 -3.18 -20.42
C GLU A 41 -11.19 -2.56 -21.68
N GLU A 42 -11.83 -1.40 -21.53
CA GLU A 42 -12.33 -0.69 -22.69
C GLU A 42 -11.16 -0.16 -23.50
N ALA A 43 -10.09 0.21 -22.80
CA ALA A 43 -8.89 0.71 -23.46
C ALA A 43 -8.17 -0.43 -24.18
N GLU A 44 -8.34 -1.65 -23.66
CA GLU A 44 -7.78 -2.83 -24.29
C GLU A 44 -8.58 -3.15 -25.55
N LEU A 45 -9.87 -2.85 -25.48
CA LEU A 45 -10.76 -3.06 -26.60
C LEU A 45 -10.45 -2.09 -27.74
N GLN A 46 -10.31 -0.82 -27.38
CA GLN A 46 -10.03 0.24 -28.35
C GLN A 46 -8.66 0.07 -29.00
N ALA A 47 -7.84 -0.80 -28.43
CA ALA A 47 -6.51 -1.03 -28.98
C ALA A 47 -6.36 -2.42 -29.58
N LYS A 48 -7.48 -3.00 -30.01
CA LYS A 48 -7.49 -4.38 -30.52
C LYS A 48 -6.86 -4.50 -31.92
N ASN A 49 -6.85 -3.41 -32.67
CA ASN A 49 -6.30 -3.44 -34.03
C ASN A 49 -4.79 -3.21 -34.05
N LEU A 50 -4.19 -3.07 -32.87
CA LEU A 50 -2.75 -2.83 -32.77
C LEU A 50 -1.96 -4.13 -32.84
N PRO A 51 -0.67 -4.04 -33.22
CA PRO A 51 0.22 -5.21 -33.21
C PRO A 51 0.20 -5.91 -31.85
N LYS A 52 0.60 -7.18 -31.84
CA LYS A 52 0.52 -8.00 -30.65
C LYS A 52 1.40 -7.49 -29.51
N ALA A 53 2.52 -6.87 -29.85
CA ALA A 53 3.46 -6.37 -28.86
C ALA A 53 2.96 -5.10 -28.17
N GLU A 54 2.20 -4.28 -28.90
CA GLU A 54 1.70 -3.03 -28.35
C GLU A 54 0.54 -3.24 -27.38
N ARG A 55 -0.24 -4.29 -27.61
CA ARG A 55 -1.35 -4.60 -26.72
C ARG A 55 -0.82 -5.23 -25.44
N GLN A 56 0.34 -5.87 -25.57
CA GLN A 56 0.99 -6.52 -24.44
C GLN A 56 1.42 -5.46 -23.42
N THR A 57 2.04 -4.38 -23.90
CA THR A 57 2.50 -3.32 -23.01
C THR A 57 1.31 -2.62 -22.34
N LEU A 58 0.18 -2.54 -23.04
CA LEU A 58 -1.01 -1.92 -22.47
C LEU A 58 -1.60 -2.80 -21.37
N ILE A 59 -1.67 -4.10 -21.65
CA ILE A 59 -2.16 -5.07 -20.68
C ILE A 59 -1.22 -5.16 -19.48
N GLN A 60 0.07 -5.05 -19.76
CA GLN A 60 1.09 -5.08 -18.72
C GLN A 60 0.94 -3.87 -17.76
N HIS A 61 0.53 -2.73 -18.30
CA HIS A 61 0.27 -1.55 -17.47
C HIS A 61 -0.94 -1.79 -16.56
N PHE A 62 -1.95 -2.44 -17.12
CA PHE A 62 -3.16 -2.78 -16.36
C PHE A 62 -2.83 -3.72 -15.21
N GLN A 63 -1.91 -4.65 -15.45
CA GLN A 63 -1.49 -5.59 -14.44
C GLN A 63 -0.76 -4.86 -13.32
N ALA A 64 0.08 -3.90 -13.71
CA ALA A 64 0.83 -3.10 -12.76
C ALA A 64 -0.12 -2.22 -11.97
N MET A 65 -1.21 -1.83 -12.63
CA MET A 65 -2.26 -1.04 -12.00
C MET A 65 -3.00 -1.82 -10.91
N VAL A 66 -3.28 -3.09 -11.18
CA VAL A 66 -4.00 -3.92 -10.22
C VAL A 66 -3.12 -4.20 -9.00
N LYS A 67 -1.84 -4.39 -9.26
CA LYS A 67 -0.86 -4.62 -8.21
C LYS A 67 -0.76 -3.40 -7.29
N ALA A 68 -0.84 -2.21 -7.88
CA ALA A 68 -0.77 -0.98 -7.08
C ALA A 68 -2.04 -0.77 -6.26
N LEU A 69 -3.17 -1.18 -6.81
CA LEU A 69 -4.44 -0.99 -6.15
C LEU A 69 -4.55 -1.92 -4.96
N GLU A 70 -3.92 -3.08 -5.08
CA GLU A 70 -3.97 -4.08 -4.04
C GLU A 70 -3.01 -3.71 -2.92
N LYS A 71 -1.92 -3.07 -3.28
CA LYS A 71 -0.98 -2.57 -2.29
C LYS A 71 -1.61 -1.40 -1.55
N GLU A 72 -2.41 -0.61 -2.26
CA GLU A 72 -3.10 0.49 -1.61
C GLU A 72 -4.13 -0.04 -0.60
N ALA A 73 -4.87 -1.07 -0.99
CA ALA A 73 -5.91 -1.62 -0.12
C ALA A 73 -5.35 -2.22 1.15
N ALA A 74 -4.36 -3.10 1.01
CA ALA A 74 -3.74 -3.74 2.17
C ALA A 74 -3.13 -2.71 3.10
N SER A 75 -2.55 -1.67 2.51
CA SER A 75 -1.94 -0.60 3.29
C SER A 75 -2.95 0.15 4.13
N GLU A 76 -4.10 0.45 3.53
CA GLU A 76 -5.13 1.18 4.23
C GLU A 76 -5.78 0.27 5.28
N LYS A 77 -5.75 -1.03 5.02
CA LYS A 77 -6.28 -2.03 5.94
C LYS A 77 -5.40 -2.16 7.18
N GLN A 78 -4.09 -2.10 6.98
CA GLN A 78 -3.15 -2.24 8.08
C GLN A 78 -3.22 -1.01 8.98
N GLN A 79 -3.51 0.14 8.38
CA GLN A 79 -3.66 1.37 9.15
C GLN A 79 -4.81 1.23 10.12
N LEU A 80 -5.87 0.60 9.63
CA LEU A 80 -7.08 0.38 10.40
C LEU A 80 -6.78 -0.56 11.56
N VAL A 81 -6.05 -1.63 11.27
CA VAL A 81 -5.71 -2.64 12.27
C VAL A 81 -4.77 -2.07 13.32
N GLU A 82 -3.74 -1.34 12.90
CA GLU A 82 -2.80 -0.75 13.86
C GLU A 82 -3.47 0.25 14.80
N THR A 83 -4.39 1.01 14.26
CA THR A 83 -5.16 1.96 15.06
C THR A 83 -6.06 1.22 16.05
N HIS A 84 -6.66 0.13 15.60
CA HIS A 84 -7.56 -0.65 16.42
C HIS A 84 -6.81 -1.36 17.54
N LEU A 85 -5.70 -2.00 17.18
CA LEU A 85 -4.91 -2.72 18.17
C LEU A 85 -4.44 -1.81 19.29
N ALA A 86 -3.99 -0.60 18.93
CA ALA A 86 -3.53 0.35 19.94
C ALA A 86 -4.68 0.69 20.87
N ARG A 87 -5.87 0.87 20.30
CA ARG A 87 -7.04 1.26 21.08
C ARG A 87 -7.49 0.14 22.02
N VAL A 88 -7.51 -1.10 21.53
CA VAL A 88 -7.90 -2.23 22.38
C VAL A 88 -6.89 -2.43 23.50
N GLU A 89 -5.60 -2.34 23.15
CA GLU A 89 -4.54 -2.52 24.14
C GLU A 89 -4.58 -1.48 25.24
N ALA A 90 -4.96 -0.25 24.90
CA ALA A 90 -5.01 0.81 25.91
C ALA A 90 -6.17 0.57 26.87
N MET A 91 -7.31 0.10 26.33
CA MET A 91 -8.47 -0.18 27.16
C MET A 91 -8.18 -1.39 28.06
N LEU A 92 -7.48 -2.38 27.52
CA LEU A 92 -7.14 -3.57 28.29
C LEU A 92 -6.15 -3.26 29.40
N ASN A 93 -5.18 -2.40 29.10
CA ASN A 93 -4.16 -2.06 30.07
C ASN A 93 -4.72 -1.18 31.20
N ASP A 94 -5.70 -0.35 30.85
CA ASP A 94 -6.31 0.56 31.82
C ASP A 94 -7.21 -0.22 32.78
N ARG A 95 -7.93 -1.21 32.23
CA ARG A 95 -8.81 -2.05 33.03
C ARG A 95 -8.01 -2.95 33.97
N ARG A 96 -6.89 -3.48 33.47
CA ARG A 96 -6.00 -4.28 34.31
C ARG A 96 -5.41 -3.45 35.43
N ARG A 97 -4.96 -2.25 35.10
CA ARG A 97 -4.37 -1.35 36.09
C ARG A 97 -5.35 -1.01 37.19
N MET A 98 -6.59 -0.68 36.82
CA MET A 98 -7.58 -0.33 37.83
C MET A 98 -7.91 -1.53 38.71
N ALA A 99 -7.98 -2.71 38.10
CA ALA A 99 -8.33 -3.90 38.86
C ALA A 99 -7.20 -4.32 39.79
N LEU A 100 -5.96 -4.09 39.34
CA LEU A 100 -4.81 -4.47 40.15
C LEU A 100 -4.67 -3.53 41.33
N GLU A 101 -4.99 -2.26 41.11
CA GLU A 101 -4.95 -1.27 42.18
C GLU A 101 -5.98 -1.60 43.26
N ASN A 102 -7.20 -1.92 42.84
CA ASN A 102 -8.24 -2.28 43.79
C ASN A 102 -7.91 -3.57 44.55
N TYR A 103 -7.16 -4.45 43.91
CA TYR A 103 -6.75 -5.70 44.51
C TYR A 103 -5.65 -5.49 45.55
N LEU A 104 -4.72 -4.59 45.25
CA LEU A 104 -3.65 -4.25 46.19
C LEU A 104 -4.22 -3.55 47.39
N ALA A 105 -5.10 -2.59 47.13
CA ALA A 105 -5.72 -1.80 48.17
C ALA A 105 -6.56 -2.64 49.12
N ALA A 106 -7.21 -3.66 48.57
CA ALA A 106 -8.06 -4.52 49.37
C ALA A 106 -7.20 -5.47 50.19
N LEU A 107 -5.99 -5.72 49.69
CA LEU A 107 -5.09 -6.66 50.31
C LEU A 107 -4.40 -6.05 51.52
N GLN A 108 -4.27 -4.71 51.53
CA GLN A 108 -3.58 -4.02 52.62
C GLN A 108 -4.54 -3.42 53.64
N SER A 109 -5.83 -3.51 53.36
CA SER A 109 -6.84 -2.95 54.27
C SER A 109 -6.80 -3.66 55.62
N ASP A 110 -7.28 -2.97 56.65
CA ASP A 110 -7.26 -3.50 58.01
C ASP A 110 -8.66 -3.47 58.60
N PRO A 111 -9.27 -4.65 58.79
CA PRO A 111 -8.65 -5.94 58.45
C PRO A 111 -8.98 -6.32 57.00
N PRO A 112 -8.23 -7.26 56.43
CA PRO A 112 -8.49 -7.71 55.07
C PRO A 112 -9.71 -8.63 54.99
N ARG A 113 -10.74 -8.19 54.28
CA ARG A 113 -11.93 -9.01 54.05
C ARG A 113 -11.67 -10.04 52.96
N PRO A 114 -11.86 -11.32 53.27
CA PRO A 114 -11.44 -12.38 52.35
C PRO A 114 -12.23 -12.39 51.04
N HIS A 115 -13.46 -11.89 51.08
CA HIS A 115 -14.32 -11.93 49.91
C HIS A 115 -14.31 -10.62 49.14
N ARG A 116 -13.79 -9.57 49.77
CA ARG A 116 -13.56 -8.33 49.05
C ARG A 116 -12.31 -8.47 48.21
N ILE A 117 -11.35 -9.22 48.75
CA ILE A 117 -10.09 -9.51 48.08
C ILE A 117 -10.34 -10.46 46.93
N LEU A 118 -11.25 -11.42 47.15
CA LEU A 118 -11.60 -12.37 46.12
C LEU A 118 -12.29 -11.68 44.95
N GLN A 119 -13.23 -10.81 45.29
CA GLN A 119 -13.98 -10.08 44.30
C GLN A 119 -13.03 -9.28 43.42
N ALA A 120 -12.09 -8.60 44.06
CA ALA A 120 -11.12 -7.78 43.35
C ALA A 120 -10.16 -8.63 42.53
N LEU A 121 -9.76 -9.78 43.06
CA LEU A 121 -8.85 -10.68 42.34
C LEU A 121 -9.53 -11.24 41.08
N ARG A 122 -10.84 -11.46 41.16
CA ARG A 122 -11.59 -11.96 40.02
C ARG A 122 -11.57 -10.96 38.86
N ARG A 123 -11.81 -9.69 39.18
CA ARG A 123 -11.84 -8.66 38.13
C ARG A 123 -10.46 -8.50 37.50
N TYR A 124 -9.42 -8.68 38.29
CA TYR A 124 -8.06 -8.59 37.78
C TYR A 124 -7.70 -9.79 36.89
N VAL A 125 -7.86 -10.99 37.43
CA VAL A 125 -7.51 -12.19 36.66
C VAL A 125 -8.36 -12.26 35.39
N ARG A 126 -9.62 -11.87 35.47
CA ARG A 126 -10.47 -11.91 34.28
C ARG A 126 -10.08 -10.83 33.27
N ALA A 127 -9.56 -9.71 33.77
CA ALA A 127 -9.04 -8.66 32.88
C ALA A 127 -7.77 -9.18 32.21
N GLU A 128 -6.99 -9.93 32.96
CA GLU A 128 -5.78 -10.53 32.46
C GLU A 128 -6.14 -11.62 31.43
N ASN A 129 -7.26 -12.31 31.65
CA ASN A 129 -7.72 -13.33 30.70
C ASN A 129 -8.24 -12.70 29.41
N LYS A 130 -8.81 -11.51 29.52
CA LYS A 130 -9.33 -10.81 28.35
C LYS A 130 -8.18 -10.34 27.45
N ASP A 131 -7.08 -9.95 28.08
CA ASP A 131 -5.88 -9.53 27.36
C ASP A 131 -5.24 -10.72 26.66
N ARG A 132 -5.14 -11.82 27.40
CA ARG A 132 -4.52 -13.04 26.91
C ARG A 132 -5.30 -13.63 25.75
N LEU A 133 -6.62 -13.65 25.89
CA LEU A 133 -7.48 -14.21 24.86
C LEU A 133 -7.45 -13.32 23.61
N HIS A 134 -7.39 -12.00 23.82
CA HIS A 134 -7.31 -11.07 22.70
C HIS A 134 -6.03 -11.25 21.91
N THR A 135 -4.92 -11.46 22.62
CA THR A 135 -3.61 -11.63 22.01
C THR A 135 -3.57 -12.86 21.11
N ILE A 136 -4.06 -13.97 21.62
CA ILE A 136 -4.10 -15.23 20.88
C ILE A 136 -5.00 -15.14 19.67
N ARG A 137 -6.15 -14.50 19.88
CA ARG A 137 -7.17 -14.37 18.83
C ARG A 137 -6.69 -13.53 17.66
N HIS A 138 -6.06 -12.39 17.95
CA HIS A 138 -5.55 -11.56 16.86
C HIS A 138 -4.46 -12.30 16.10
N TYR A 139 -3.63 -13.04 16.84
CA TYR A 139 -2.56 -13.83 16.25
C TYR A 139 -3.13 -14.87 15.32
N GLN A 140 -4.20 -15.54 15.76
CA GLN A 140 -4.84 -16.54 14.93
C GLN A 140 -5.45 -15.92 13.69
N HIS A 141 -5.92 -14.68 13.82
CA HIS A 141 -6.46 -13.98 12.65
C HIS A 141 -5.37 -13.75 11.61
N VAL A 142 -4.21 -13.27 12.06
CA VAL A 142 -3.08 -13.04 11.17
C VAL A 142 -2.58 -14.38 10.59
N LEU A 143 -2.59 -15.42 11.40
CA LEU A 143 -2.20 -16.75 10.95
C LEU A 143 -3.12 -17.25 9.83
N ALA A 144 -4.40 -16.91 9.93
CA ALA A 144 -5.42 -17.41 9.00
C ALA A 144 -5.34 -16.74 7.63
N VAL A 145 -4.83 -15.50 7.58
CA VAL A 145 -4.81 -14.76 6.32
C VAL A 145 -3.39 -14.45 5.82
N ASP A 146 -2.43 -14.32 6.74
CA ASP A 146 -1.05 -14.00 6.37
C ASP A 146 -0.06 -14.74 7.26
N PRO A 147 0.20 -16.02 6.94
CA PRO A 147 1.07 -16.91 7.71
C PRO A 147 2.48 -16.35 7.92
N GLU A 148 2.99 -15.62 6.94
CA GLU A 148 4.34 -15.10 7.01
C GLU A 148 4.44 -13.90 7.98
N LYS A 149 3.40 -13.07 7.97
CA LYS A 149 3.30 -11.96 8.92
C LYS A 149 3.09 -12.46 10.34
N ALA A 150 2.36 -13.56 10.47
CA ALA A 150 2.12 -14.17 11.78
C ALA A 150 3.41 -14.73 12.34
N ALA A 151 4.24 -15.30 11.47
CA ALA A 151 5.49 -15.90 11.89
C ALA A 151 6.45 -14.84 12.43
N GLN A 152 6.35 -13.62 11.92
CA GLN A 152 7.20 -12.52 12.35
C GLN A 152 6.78 -11.93 13.69
N MET A 153 5.48 -11.92 13.97
CA MET A 153 4.97 -11.33 15.21
C MET A 153 4.88 -12.33 16.34
N LYS A 154 5.10 -13.59 16.02
CA LYS A 154 4.96 -14.69 16.96
C LYS A 154 5.79 -14.46 18.21
N SER A 155 7.02 -14.02 18.03
CA SER A 155 7.92 -13.78 19.15
C SER A 155 7.35 -12.74 20.12
N GLN A 156 6.81 -11.64 19.59
CA GLN A 156 6.22 -10.61 20.42
C GLN A 156 4.92 -11.10 21.06
N VAL A 157 4.20 -11.98 20.36
CA VAL A 157 3.00 -12.55 20.92
C VAL A 157 3.36 -13.38 22.17
N MET A 158 4.37 -14.23 22.03
CA MET A 158 4.85 -15.08 23.12
C MET A 158 5.38 -14.28 24.31
N THR A 159 6.14 -13.22 24.04
CA THR A 159 6.65 -12.38 25.12
C THR A 159 5.50 -11.71 25.87
N HIS A 160 4.51 -11.22 25.13
CA HIS A 160 3.37 -10.56 25.76
C HIS A 160 2.60 -11.54 26.63
N LEU A 161 2.45 -12.76 26.16
CA LEU A 161 1.81 -13.82 26.96
C LEU A 161 2.63 -14.13 28.20
N HIS A 162 3.94 -13.98 28.09
CA HIS A 162 4.81 -14.26 29.22
C HIS A 162 4.68 -13.21 30.31
N VAL A 163 4.55 -11.95 29.90
CA VAL A 163 4.40 -10.84 30.84
C VAL A 163 3.09 -10.99 31.60
N ILE A 164 2.04 -11.40 30.89
CA ILE A 164 0.76 -11.65 31.53
C ILE A 164 0.89 -12.72 32.61
N GLU A 165 1.56 -13.82 32.25
CA GLU A 165 1.72 -14.93 33.16
C GLU A 165 2.56 -14.50 34.38
N GLU A 166 3.56 -13.66 34.15
CA GLU A 166 4.39 -13.16 35.25
C GLU A 166 3.62 -12.25 36.20
N ARG A 167 2.84 -11.34 35.64
CA ARG A 167 2.02 -10.42 36.42
C ARG A 167 0.99 -11.21 37.25
N ARG A 168 0.45 -12.27 36.66
CA ARG A 168 -0.49 -13.16 37.33
C ARG A 168 0.12 -13.79 38.58
N ASN A 169 1.15 -14.59 38.37
CA ASN A 169 1.82 -15.30 39.45
C ASN A 169 2.35 -14.39 40.56
N GLN A 170 2.83 -13.20 40.19
CA GLN A 170 3.32 -12.25 41.17
C GLN A 170 2.18 -11.71 42.03
N SER A 171 1.06 -11.40 41.40
CA SER A 171 -0.10 -10.89 42.10
C SER A 171 -0.70 -11.94 43.04
N LEU A 172 -0.60 -13.20 42.63
CA LEU A 172 -1.10 -14.32 43.43
C LEU A 172 -0.22 -14.62 44.62
N SER A 173 1.08 -14.41 44.44
CA SER A 173 2.04 -14.68 45.50
C SER A 173 1.86 -13.75 46.69
N LEU A 174 1.25 -12.59 46.45
CA LEU A 174 1.00 -11.61 47.50
C LEU A 174 -0.04 -12.10 48.51
N LEU A 175 -0.76 -13.16 48.15
CA LEU A 175 -1.76 -13.72 49.05
C LEU A 175 -1.10 -14.42 50.23
N TYR A 176 0.14 -14.86 50.06
CA TYR A 176 0.89 -15.51 51.14
C TYR A 176 1.14 -14.57 52.32
N LYS A 177 1.13 -13.26 52.07
CA LYS A 177 1.36 -12.29 53.13
C LYS A 177 0.08 -12.07 53.95
N VAL A 178 -1.00 -12.74 53.56
CA VAL A 178 -2.26 -12.67 54.29
C VAL A 178 -2.80 -14.09 54.43
N PRO A 179 -2.28 -14.83 55.42
CA PRO A 179 -2.54 -16.28 55.55
C PRO A 179 -3.99 -16.62 55.89
N TYR A 180 -4.69 -15.74 56.58
CA TYR A 180 -6.06 -16.04 56.96
C TYR A 180 -6.99 -16.00 55.75
N VAL A 181 -6.97 -14.87 55.04
CA VAL A 181 -7.80 -14.66 53.84
C VAL A 181 -7.60 -15.75 52.80
N ALA A 182 -6.34 -16.12 52.58
CA ALA A 182 -5.97 -17.10 51.56
C ALA A 182 -6.64 -18.45 51.77
N GLN A 183 -6.97 -18.78 53.01
CA GLN A 183 -7.55 -20.09 53.29
C GLN A 183 -9.05 -20.17 53.12
N GLU A 184 -9.72 -19.03 53.27
CA GLU A 184 -11.17 -19.01 53.20
C GLU A 184 -11.74 -18.93 51.79
N ILE A 185 -10.88 -18.65 50.82
CA ILE A 185 -11.31 -18.54 49.44
C ILE A 185 -10.42 -19.35 48.51
N GLN A 186 -9.71 -20.33 49.07
CA GLN A 186 -8.76 -21.11 48.29
C GLN A 186 -9.44 -21.80 47.12
N GLU A 187 -10.66 -22.28 47.38
CA GLU A 187 -11.41 -23.03 46.38
C GLU A 187 -11.96 -22.10 45.31
N GLU A 188 -12.33 -20.87 45.69
CA GLU A 188 -12.74 -19.89 44.69
C GLU A 188 -11.55 -19.47 43.84
N ILE A 189 -10.40 -19.33 44.48
CA ILE A 189 -9.17 -18.97 43.79
C ILE A 189 -8.79 -20.04 42.76
N ASP A 190 -8.86 -21.29 43.16
CA ASP A 190 -8.51 -22.41 42.28
C ASP A 190 -9.42 -22.46 41.06
N GLU A 191 -10.69 -22.15 41.26
CA GLU A 191 -11.63 -22.07 40.16
C GLU A 191 -11.24 -20.93 39.20
N LEU A 192 -11.04 -19.75 39.77
CA LEU A 192 -10.66 -18.57 39.00
C LEU A 192 -9.39 -18.80 38.19
N LEU A 193 -8.39 -19.40 38.82
CA LEU A 193 -7.09 -19.58 38.17
C LEU A 193 -7.13 -20.59 37.03
N GLN A 194 -8.16 -21.43 37.00
CA GLN A 194 -8.31 -22.41 35.92
C GLN A 194 -9.22 -21.92 34.80
N GLU A 195 -9.82 -20.75 34.97
CA GLU A 195 -10.74 -20.23 33.97
C GLU A 195 -10.04 -19.93 32.64
N GLN A 196 -10.67 -20.38 31.55
CA GLN A 196 -10.11 -20.26 30.20
C GLN A 196 -8.73 -20.90 30.11
N ARG A 197 -8.49 -21.84 31.02
CA ARG A 197 -7.23 -22.59 31.18
C ARG A 197 -6.00 -21.95 30.57
N HIS B 15 1.44 15.74 -20.60
CA HIS B 15 2.59 15.79 -19.71
C HIS B 15 2.37 16.78 -18.57
N ALA B 16 1.73 17.90 -18.89
CA ALA B 16 1.44 18.93 -17.89
C ALA B 16 0.40 18.43 -16.88
N ARG B 17 -0.62 17.76 -17.39
CA ARG B 17 -1.68 17.22 -16.55
C ARG B 17 -1.14 16.20 -15.55
N PHE B 18 -0.16 15.41 -15.99
CA PHE B 18 0.49 14.43 -15.12
C PHE B 18 1.37 15.11 -14.08
N GLN B 19 2.03 16.18 -14.50
CA GLN B 19 2.92 16.95 -13.63
C GLN B 19 2.11 17.64 -12.52
N LYS B 20 0.87 18.00 -12.86
CA LYS B 20 0.00 18.69 -11.92
C LYS B 20 -0.59 17.70 -10.91
N ALA B 21 -0.96 16.51 -11.37
CA ALA B 21 -1.49 15.48 -10.46
C ALA B 21 -0.38 14.96 -9.56
N LYS B 22 0.84 14.99 -10.08
CA LYS B 22 2.01 14.54 -9.34
C LYS B 22 2.30 15.47 -8.18
N GLU B 23 2.05 16.76 -8.39
CA GLU B 23 2.30 17.76 -7.38
C GLU B 23 1.25 17.69 -6.28
N GLN B 24 0.00 17.53 -6.68
CA GLN B 24 -1.10 17.43 -5.73
C GLN B 24 -0.98 16.18 -4.89
N LEU B 25 -0.40 15.15 -5.48
CA LEU B 25 -0.21 13.89 -4.78
C LEU B 25 0.87 13.98 -3.71
N GLU B 26 1.93 14.72 -4.00
CA GLU B 26 3.04 14.87 -3.06
C GLU B 26 2.61 15.70 -1.86
N ILE B 27 1.77 16.70 -2.11
CA ILE B 27 1.24 17.57 -1.08
C ILE B 27 0.32 16.77 -0.17
N ARG B 28 -0.55 16.00 -0.79
CA ARG B 28 -1.53 15.18 -0.10
C ARG B 28 -0.83 14.16 0.81
N HIS B 29 0.25 13.59 0.30
CA HIS B 29 1.01 12.61 1.06
C HIS B 29 1.72 13.27 2.23
N ARG B 30 2.19 14.49 2.00
CA ARG B 30 2.91 15.21 3.05
C ARG B 30 1.99 15.60 4.21
N ASN B 31 0.81 16.11 3.86
CA ASN B 31 -0.16 16.56 4.87
C ASN B 31 -0.67 15.42 5.72
N ARG B 32 -0.88 14.28 5.07
CA ARG B 32 -1.36 13.10 5.74
C ARG B 32 -0.29 12.51 6.64
N MET B 33 0.95 12.46 6.16
CA MET B 33 2.04 11.96 6.97
C MET B 33 2.23 12.85 8.20
N ASP B 34 2.10 14.16 8.00
CA ASP B 34 2.25 15.10 9.10
C ASP B 34 1.11 14.97 10.09
N ARG B 35 -0.12 14.88 9.59
CA ARG B 35 -1.27 14.78 10.48
C ARG B 35 -1.23 13.53 11.35
N VAL B 36 -0.98 12.37 10.75
CA VAL B 36 -0.99 11.12 11.48
C VAL B 36 0.12 11.09 12.52
N LYS B 37 1.29 11.59 12.13
CA LYS B 37 2.42 11.65 13.03
C LYS B 37 2.14 12.51 14.24
N LYS B 38 1.51 13.65 14.00
CA LYS B 38 1.19 14.59 15.05
C LYS B 38 0.16 13.98 16.00
N GLU B 39 -0.84 13.29 15.46
CA GLU B 39 -1.88 12.68 16.29
C GLU B 39 -1.33 11.54 17.15
N TRP B 40 -0.54 10.64 16.55
CA TRP B 40 0.01 9.52 17.30
C TRP B 40 1.00 9.98 18.37
N GLU B 41 1.74 11.04 18.09
CA GLU B 41 2.69 11.57 19.06
C GLU B 41 1.95 12.24 20.20
N GLU B 42 0.78 12.77 19.89
CA GLU B 42 -0.08 13.33 20.91
C GLU B 42 -0.59 12.20 21.81
N ALA B 43 -0.82 11.03 21.21
CA ALA B 43 -1.26 9.86 21.95
C ALA B 43 -0.14 9.30 22.82
N GLU B 44 1.10 9.48 22.39
CA GLU B 44 2.27 9.04 23.14
C GLU B 44 2.50 9.94 24.34
N LEU B 45 2.17 11.22 24.18
CA LEU B 45 2.31 12.18 25.27
C LEU B 45 1.33 11.86 26.40
N GLN B 46 0.08 11.56 26.04
CA GLN B 46 -0.93 11.22 27.04
C GLN B 46 -0.60 9.90 27.71
N ALA B 47 0.34 9.15 27.15
CA ALA B 47 0.72 7.86 27.70
C ALA B 47 2.12 7.91 28.33
N LYS B 48 2.56 9.11 28.70
CA LYS B 48 3.90 9.27 29.24
C LYS B 48 4.01 8.71 30.65
N ASN B 49 2.88 8.65 31.34
CA ASN B 49 2.85 8.15 32.71
C ASN B 49 2.63 6.64 32.80
N LEU B 50 2.56 6.00 31.64
CA LEU B 50 2.36 4.56 31.57
C LEU B 50 3.70 3.83 31.67
N PRO B 51 3.67 2.55 32.05
CA PRO B 51 4.88 1.72 32.06
C PRO B 51 5.66 1.76 30.73
N LYS B 52 6.94 1.43 30.80
CA LYS B 52 7.85 1.48 29.66
C LYS B 52 7.42 0.49 28.57
N ALA B 53 6.81 -0.61 28.99
CA ALA B 53 6.41 -1.65 28.05
C ALA B 53 5.17 -1.27 27.25
N GLU B 54 4.27 -0.51 27.87
CA GLU B 54 3.04 -0.11 27.20
C GLU B 54 3.34 1.01 26.23
N ARG B 55 4.38 1.77 26.55
CA ARG B 55 4.79 2.88 25.73
C ARG B 55 5.50 2.36 24.48
N GLN B 56 6.20 1.25 24.61
CA GLN B 56 6.93 0.67 23.46
C GLN B 56 6.00 0.11 22.40
N THR B 57 5.01 -0.67 22.83
CA THR B 57 4.08 -1.31 21.91
C THR B 57 3.25 -0.24 21.20
N LEU B 58 3.01 0.89 21.85
CA LEU B 58 2.27 1.97 21.23
C LEU B 58 3.12 2.61 20.13
N ILE B 59 4.40 2.82 20.44
CA ILE B 59 5.35 3.37 19.50
C ILE B 59 5.54 2.41 18.34
N GLN B 60 5.54 1.12 18.65
CA GLN B 60 5.64 0.11 17.62
C GLN B 60 4.47 0.20 16.65
N HIS B 61 3.29 0.50 17.18
CA HIS B 61 2.09 0.67 16.36
C HIS B 61 2.22 1.92 15.49
N PHE B 62 2.77 2.97 16.05
CA PHE B 62 3.03 4.19 15.29
C PHE B 62 3.99 3.95 14.13
N GLN B 63 5.01 3.12 14.37
CA GLN B 63 5.99 2.79 13.34
C GLN B 63 5.36 1.97 12.21
N ALA B 64 4.47 1.06 12.57
CA ALA B 64 3.78 0.24 11.59
C ALA B 64 2.83 1.12 10.80
N MET B 65 2.32 2.14 11.48
CA MET B 65 1.41 3.11 10.89
C MET B 65 2.14 3.92 9.82
N VAL B 66 3.39 4.27 10.10
CA VAL B 66 4.18 5.07 9.18
C VAL B 66 4.54 4.25 7.94
N LYS B 67 4.87 2.99 8.17
CA LYS B 67 5.25 2.12 7.06
C LYS B 67 4.07 1.88 6.12
N ALA B 68 2.87 1.75 6.68
CA ALA B 68 1.70 1.53 5.83
C ALA B 68 1.40 2.79 5.04
N LEU B 69 1.68 3.95 5.63
CA LEU B 69 1.40 5.21 4.95
C LEU B 69 2.35 5.42 3.78
N GLU B 70 3.57 4.91 3.92
CA GLU B 70 4.58 5.09 2.88
C GLU B 70 4.29 4.12 1.76
N LYS B 71 3.77 2.95 2.12
CA LYS B 71 3.38 1.98 1.12
C LYS B 71 2.16 2.48 0.35
N GLU B 72 1.26 3.17 1.05
CA GLU B 72 0.09 3.75 0.41
C GLU B 72 0.48 4.86 -0.55
N ALA B 73 1.41 5.70 -0.13
CA ALA B 73 1.84 6.84 -0.93
C ALA B 73 2.49 6.37 -2.22
N ALA B 74 3.44 5.44 -2.10
CA ALA B 74 4.14 4.89 -3.25
C ALA B 74 3.16 4.22 -4.20
N SER B 75 2.17 3.54 -3.62
CA SER B 75 1.15 2.84 -4.40
C SER B 75 0.28 3.80 -5.21
N GLU B 76 -0.08 4.93 -4.60
CA GLU B 76 -0.90 5.92 -5.29
C GLU B 76 -0.06 6.61 -6.38
N LYS B 77 1.24 6.71 -6.15
CA LYS B 77 2.13 7.30 -7.15
C LYS B 77 2.26 6.36 -8.33
N GLN B 78 2.28 5.06 -8.05
CA GLN B 78 2.43 4.08 -9.12
C GLN B 78 1.18 4.02 -10.00
N GLN B 79 0.02 4.23 -9.39
CA GLN B 79 -1.23 4.26 -10.14
C GLN B 79 -1.22 5.43 -11.11
N LEU B 80 -0.66 6.55 -10.66
CA LEU B 80 -0.55 7.76 -11.46
C LEU B 80 0.38 7.54 -12.65
N VAL B 81 1.52 6.91 -12.38
CA VAL B 81 2.53 6.63 -13.38
C VAL B 81 2.06 5.62 -14.44
N GLU B 82 1.45 4.52 -14.00
CA GLU B 82 0.94 3.54 -14.94
C GLU B 82 -0.15 4.12 -15.84
N THR B 83 -1.00 4.95 -15.25
CA THR B 83 -2.06 5.63 -15.99
C THR B 83 -1.42 6.61 -16.97
N HIS B 84 -0.35 7.25 -16.53
CA HIS B 84 0.32 8.23 -17.36
C HIS B 84 1.05 7.59 -18.53
N LEU B 85 1.80 6.53 -18.25
CA LEU B 85 2.58 5.84 -19.28
C LEU B 85 1.71 5.29 -20.39
N ALA B 86 0.58 4.71 -20.02
CA ALA B 86 -0.35 4.13 -20.98
C ALA B 86 -0.91 5.20 -21.91
N ARG B 87 -1.21 6.37 -21.34
CA ARG B 87 -1.79 7.46 -22.12
C ARG B 87 -0.77 8.03 -23.12
N VAL B 88 0.46 8.19 -22.67
CA VAL B 88 1.52 8.72 -23.52
C VAL B 88 1.80 7.75 -24.65
N GLU B 89 1.86 6.46 -24.33
CA GLU B 89 2.09 5.43 -25.34
C GLU B 89 0.96 5.37 -26.37
N ALA B 90 -0.25 5.71 -25.94
CA ALA B 90 -1.38 5.74 -26.85
C ALA B 90 -1.27 6.94 -27.78
N MET B 91 -0.79 8.07 -27.26
CA MET B 91 -0.64 9.27 -28.05
C MET B 91 0.49 9.13 -29.07
N LEU B 92 1.58 8.49 -28.63
CA LEU B 92 2.74 8.30 -29.50
C LEU B 92 2.42 7.30 -30.61
N ASN B 93 1.67 6.26 -30.30
CA ASN B 93 1.31 5.26 -31.30
C ASN B 93 0.31 5.80 -32.32
N ASP B 94 -0.59 6.66 -31.85
CA ASP B 94 -1.62 7.23 -32.71
C ASP B 94 -1.07 8.31 -33.64
N ARG B 95 -0.17 9.14 -33.14
CA ARG B 95 0.42 10.18 -33.96
C ARG B 95 1.32 9.57 -35.03
N ARG B 96 2.01 8.50 -34.65
CA ARG B 96 2.86 7.79 -35.60
C ARG B 96 2.02 7.15 -36.71
N ARG B 97 0.87 6.60 -36.34
CA ARG B 97 -0.02 5.97 -37.31
C ARG B 97 -0.48 6.96 -38.36
N MET B 98 -0.97 8.11 -37.89
CA MET B 98 -1.48 9.14 -38.79
C MET B 98 -0.37 9.74 -39.65
N ALA B 99 0.81 9.88 -39.07
CA ALA B 99 1.95 10.41 -39.81
C ALA B 99 2.42 9.40 -40.84
N LEU B 100 2.23 8.12 -40.54
CA LEU B 100 2.61 7.06 -41.46
C LEU B 100 1.64 6.99 -42.64
N GLU B 101 0.36 7.18 -42.36
CA GLU B 101 -0.66 7.16 -43.42
C GLU B 101 -0.45 8.32 -44.38
N ASN B 102 -0.19 9.50 -43.84
CA ASN B 102 0.09 10.68 -44.66
C ASN B 102 1.35 10.49 -45.49
N TYR B 103 2.27 9.68 -44.96
CA TYR B 103 3.50 9.41 -45.68
C TYR B 103 3.27 8.42 -46.82
N LEU B 104 2.44 7.41 -46.58
CA LEU B 104 2.10 6.43 -47.61
C LEU B 104 1.29 7.08 -48.72
N ALA B 105 0.29 7.88 -48.32
CA ALA B 105 -0.57 8.56 -49.28
C ALA B 105 0.21 9.53 -50.16
N ALA B 106 1.22 10.17 -49.59
CA ALA B 106 2.03 11.11 -50.34
C ALA B 106 3.01 10.36 -51.24
N LEU B 107 3.35 9.15 -50.83
CA LEU B 107 4.30 8.31 -51.55
C LEU B 107 3.64 7.64 -52.76
N GLN B 108 2.31 7.51 -52.69
CA GLN B 108 1.55 6.85 -53.74
C GLN B 108 0.88 7.85 -54.69
N SER B 109 0.99 9.14 -54.39
CA SER B 109 0.36 10.16 -55.20
C SER B 109 0.91 10.17 -56.63
N ASP B 110 0.11 10.68 -57.57
CA ASP B 110 0.48 10.67 -58.97
C ASP B 110 0.43 12.07 -59.59
N PRO B 111 1.60 12.63 -59.92
CA PRO B 111 2.92 12.02 -59.68
C PRO B 111 3.46 12.41 -58.30
N PRO B 112 4.48 11.69 -57.80
CA PRO B 112 5.03 12.02 -56.48
C PRO B 112 5.97 13.23 -56.46
N ARG B 113 5.55 14.29 -55.78
CA ARG B 113 6.40 15.46 -55.56
C ARG B 113 7.35 15.16 -54.41
N PRO B 114 8.66 15.34 -54.62
CA PRO B 114 9.66 14.90 -53.65
C PRO B 114 9.61 15.66 -52.31
N HIS B 115 9.07 16.87 -52.31
CA HIS B 115 9.09 17.69 -51.10
C HIS B 115 7.81 17.61 -50.28
N ARG B 116 6.72 17.12 -50.87
CA ARG B 116 5.54 16.88 -50.07
C ARG B 116 5.72 15.53 -49.39
N ILE B 117 6.49 14.67 -50.04
CA ILE B 117 6.87 13.38 -49.48
C ILE B 117 7.90 13.60 -48.37
N LEU B 118 8.78 14.57 -48.56
CA LEU B 118 9.81 14.90 -47.57
C LEU B 118 9.15 15.39 -46.28
N GLN B 119 8.13 16.23 -46.43
CA GLN B 119 7.33 16.70 -45.30
C GLN B 119 6.70 15.56 -44.52
N ALA B 120 6.10 14.63 -45.23
CA ALA B 120 5.40 13.51 -44.61
C ALA B 120 6.38 12.57 -43.93
N LEU B 121 7.54 12.36 -44.56
CA LEU B 121 8.57 11.51 -43.99
C LEU B 121 9.16 12.11 -42.72
N ARG B 122 9.27 13.44 -42.70
CA ARG B 122 9.80 14.14 -41.54
C ARG B 122 8.90 13.92 -40.32
N ARG B 123 7.60 14.09 -40.50
CA ARG B 123 6.65 13.94 -39.41
C ARG B 123 6.64 12.52 -38.85
N TYR B 124 6.81 11.54 -39.73
CA TYR B 124 6.81 10.15 -39.29
C TYR B 124 8.08 9.83 -38.48
N VAL B 125 9.23 10.11 -39.08
CA VAL B 125 10.53 9.82 -38.47
C VAL B 125 10.70 10.54 -37.14
N ARG B 126 10.19 11.77 -37.06
CA ARG B 126 10.29 12.53 -35.83
C ARG B 126 9.34 11.99 -34.77
N ALA B 127 8.22 11.42 -35.20
CA ALA B 127 7.29 10.78 -34.29
C ALA B 127 7.94 9.51 -33.72
N GLU B 128 8.70 8.82 -34.56
CA GLU B 128 9.39 7.62 -34.10
C GLU B 128 10.48 8.01 -33.13
N ASN B 129 11.08 9.18 -33.36
CA ASN B 129 12.12 9.70 -32.47
C ASN B 129 11.51 10.10 -31.15
N LYS B 130 10.27 10.58 -31.20
CA LYS B 130 9.55 11.00 -29.99
C LYS B 130 9.18 9.77 -29.16
N ASP B 131 8.87 8.67 -29.84
CA ASP B 131 8.59 7.41 -29.18
C ASP B 131 9.90 6.93 -28.56
N ARG B 132 10.98 7.05 -29.32
CA ARG B 132 12.30 6.69 -28.87
C ARG B 132 12.77 7.52 -27.68
N LEU B 133 12.51 8.82 -27.73
CA LEU B 133 12.94 9.72 -26.68
C LEU B 133 12.20 9.46 -25.38
N HIS B 134 10.90 9.22 -25.49
CA HIS B 134 10.08 8.94 -24.31
C HIS B 134 10.47 7.61 -23.67
N THR B 135 10.74 6.61 -24.50
CA THR B 135 11.13 5.30 -23.98
C THR B 135 12.44 5.36 -23.20
N ILE B 136 13.46 5.99 -23.79
CA ILE B 136 14.77 6.07 -23.16
C ILE B 136 14.71 6.91 -21.88
N ARG B 137 13.97 8.01 -21.94
CA ARG B 137 13.90 8.96 -20.83
C ARG B 137 13.25 8.34 -19.58
N HIS B 138 12.14 7.65 -19.80
CA HIS B 138 11.45 6.99 -18.71
C HIS B 138 12.28 5.82 -18.16
N TYR B 139 12.96 5.11 -19.06
CA TYR B 139 13.80 4.01 -18.63
C TYR B 139 14.97 4.49 -17.79
N GLN B 140 15.60 5.59 -18.22
CA GLN B 140 16.69 6.17 -17.47
C GLN B 140 16.22 6.70 -16.13
N HIS B 141 14.97 7.16 -16.09
CA HIS B 141 14.37 7.62 -14.85
C HIS B 141 14.22 6.45 -13.87
N VAL B 142 13.71 5.32 -14.36
CA VAL B 142 13.57 4.14 -13.53
C VAL B 142 14.94 3.62 -13.10
N LEU B 143 15.93 3.72 -13.97
CA LEU B 143 17.28 3.30 -13.62
C LEU B 143 17.83 4.08 -12.44
N ALA B 144 17.49 5.36 -12.37
CA ALA B 144 18.04 6.23 -11.33
C ALA B 144 17.39 6.02 -9.96
N VAL B 145 16.12 5.61 -9.94
CA VAL B 145 15.39 5.53 -8.68
C VAL B 145 14.99 4.11 -8.26
N ASP B 146 14.81 3.23 -9.25
CA ASP B 146 14.37 1.88 -8.96
C ASP B 146 15.07 0.85 -9.88
N PRO B 147 16.28 0.44 -9.50
CA PRO B 147 17.12 -0.47 -10.27
C PRO B 147 16.45 -1.80 -10.64
N GLU B 148 15.64 -2.37 -9.75
CA GLU B 148 15.00 -3.66 -10.03
C GLU B 148 13.84 -3.53 -11.00
N LYS B 149 13.11 -2.43 -10.91
CA LYS B 149 12.03 -2.19 -11.85
C LYS B 149 12.62 -2.00 -13.26
N ALA B 150 13.78 -1.35 -13.30
CA ALA B 150 14.47 -1.16 -14.57
C ALA B 150 14.96 -2.49 -15.10
N ALA B 151 15.38 -3.35 -14.18
CA ALA B 151 15.90 -4.67 -14.55
C ALA B 151 14.79 -5.52 -15.13
N GLN B 152 13.57 -5.29 -14.69
CA GLN B 152 12.43 -6.07 -15.16
C GLN B 152 11.96 -5.61 -16.54
N MET B 153 12.07 -4.32 -16.79
CA MET B 153 11.59 -3.73 -18.04
C MET B 153 12.69 -3.69 -19.11
N LYS B 154 13.89 -4.08 -18.71
CA LYS B 154 15.06 -4.02 -19.59
C LYS B 154 14.88 -4.76 -20.92
N SER B 155 14.37 -5.98 -20.87
CA SER B 155 14.18 -6.76 -22.10
C SER B 155 13.19 -6.07 -23.04
N GLN B 156 12.08 -5.62 -22.47
CA GLN B 156 11.02 -4.98 -23.25
C GLN B 156 11.42 -3.61 -23.79
N VAL B 157 12.21 -2.87 -23.03
CA VAL B 157 12.69 -1.56 -23.47
C VAL B 157 13.53 -1.70 -24.73
N MET B 158 14.48 -2.63 -24.70
CA MET B 158 15.36 -2.88 -25.84
C MET B 158 14.59 -3.35 -27.06
N THR B 159 13.63 -4.25 -26.86
CA THR B 159 12.84 -4.78 -27.97
C THR B 159 12.06 -3.67 -28.65
N HIS B 160 11.44 -2.80 -27.84
CA HIS B 160 10.67 -1.69 -28.38
C HIS B 160 11.55 -0.71 -29.16
N LEU B 161 12.74 -0.42 -28.64
CA LEU B 161 13.68 0.46 -29.34
C LEU B 161 14.12 -0.17 -30.66
N HIS B 162 14.18 -1.50 -30.69
CA HIS B 162 14.55 -2.23 -31.90
C HIS B 162 13.41 -2.18 -32.91
N VAL B 163 12.18 -2.24 -32.42
CA VAL B 163 11.01 -2.17 -33.27
C VAL B 163 10.91 -0.78 -33.92
N ILE B 164 11.22 0.25 -33.15
CA ILE B 164 11.25 1.62 -33.67
C ILE B 164 12.27 1.71 -34.80
N GLU B 165 13.45 1.13 -34.58
CA GLU B 165 14.50 1.16 -35.57
C GLU B 165 14.09 0.42 -36.85
N GLU B 166 13.43 -0.72 -36.67
CA GLU B 166 12.97 -1.50 -37.81
C GLU B 166 11.88 -0.76 -38.57
N ARG B 167 10.97 -0.14 -37.83
CA ARG B 167 9.90 0.66 -38.40
C ARG B 167 10.46 1.83 -39.21
N ARG B 168 11.55 2.43 -38.72
CA ARG B 168 12.23 3.52 -39.41
C ARG B 168 12.77 3.07 -40.76
N ASN B 169 13.72 2.14 -40.72
CA ASN B 169 14.38 1.61 -41.91
C ASN B 169 13.38 1.05 -42.91
N GLN B 170 12.28 0.52 -42.39
CA GLN B 170 11.23 -0.04 -43.21
C GLN B 170 10.54 1.03 -44.04
N SER B 171 10.27 2.18 -43.41
CA SER B 171 9.68 3.31 -44.12
C SER B 171 10.65 3.92 -45.13
N LEU B 172 11.93 3.86 -44.79
CA LEU B 172 12.99 4.41 -45.63
C LEU B 172 13.23 3.54 -46.85
N SER B 173 13.01 2.24 -46.68
CA SER B 173 13.19 1.30 -47.77
C SER B 173 12.17 1.57 -48.88
N LEU B 174 11.07 2.22 -48.53
CA LEU B 174 10.05 2.57 -49.50
C LEU B 174 10.53 3.64 -50.46
N LEU B 175 11.59 4.33 -50.07
CA LEU B 175 12.21 5.35 -50.91
C LEU B 175 13.02 4.71 -52.03
N TYR B 176 13.49 3.48 -51.80
CA TYR B 176 14.22 2.72 -52.80
C TYR B 176 13.32 2.40 -53.98
N LYS B 177 12.01 2.35 -53.72
CA LYS B 177 11.03 2.04 -54.75
C LYS B 177 10.76 3.26 -55.62
N VAL B 178 11.33 4.39 -55.21
CA VAL B 178 11.33 5.62 -56.01
C VAL B 178 12.72 6.23 -55.87
N PRO B 179 13.71 5.68 -56.59
CA PRO B 179 15.14 6.00 -56.40
C PRO B 179 15.52 7.42 -56.81
N TYR B 180 14.77 7.96 -57.76
CA TYR B 180 15.03 9.28 -58.30
C TYR B 180 14.72 10.37 -57.28
N VAL B 181 13.53 10.31 -56.71
CA VAL B 181 13.13 11.24 -55.64
C VAL B 181 14.15 11.21 -54.51
N ALA B 182 14.62 10.01 -54.18
CA ALA B 182 15.52 9.81 -53.05
C ALA B 182 16.82 10.62 -53.15
N GLN B 183 17.27 10.87 -54.37
CA GLN B 183 18.51 11.60 -54.57
C GLN B 183 18.26 13.13 -54.61
N GLU B 184 17.01 13.52 -54.84
CA GLU B 184 16.65 14.92 -54.93
C GLU B 184 16.45 15.50 -53.52
N ILE B 185 16.34 14.62 -52.54
CA ILE B 185 16.19 15.04 -51.15
C ILE B 185 17.14 14.24 -50.24
N GLN B 186 18.21 13.72 -50.83
CA GLN B 186 19.15 12.86 -50.14
C GLN B 186 19.79 13.55 -48.92
N GLU B 187 20.10 14.84 -49.06
CA GLU B 187 20.74 15.59 -47.99
C GLU B 187 19.79 15.97 -46.87
N GLU B 188 18.54 16.26 -47.21
CA GLU B 188 17.53 16.54 -46.20
C GLU B 188 17.22 15.28 -45.40
N ILE B 189 17.15 14.15 -46.10
CA ILE B 189 16.94 12.87 -45.45
C ILE B 189 18.10 12.58 -44.49
N ASP B 190 19.32 12.81 -44.96
CA ASP B 190 20.50 12.59 -44.13
C ASP B 190 20.49 13.50 -42.91
N GLU B 191 19.98 14.72 -43.09
CA GLU B 191 19.80 15.63 -41.98
C GLU B 191 18.80 15.07 -40.98
N LEU B 192 17.63 14.68 -41.50
CA LEU B 192 16.57 14.11 -40.68
C LEU B 192 17.08 12.89 -39.92
N LEU B 193 17.83 12.02 -40.60
CA LEU B 193 18.29 10.78 -40.01
C LEU B 193 19.36 11.02 -38.94
N GLN B 194 19.96 12.21 -38.96
CA GLN B 194 20.95 12.59 -37.95
C GLN B 194 20.26 13.29 -36.77
N GLU B 195 18.97 13.01 -36.62
CA GLU B 195 18.11 13.60 -35.59
C GLU B 195 17.94 15.10 -35.83
#